data_8WJE
#
_entry.id   8WJE
#
_cell.length_a   111.094
_cell.length_b   69.108
_cell.length_c   92.154
_cell.angle_alpha   90.00
_cell.angle_beta   95.86
_cell.angle_gamma   90.00
#
_symmetry.space_group_name_H-M   'C 1 2 1'
#
loop_
_entity.id
_entity.type
_entity.pdbx_description
1 polymer Gp34.65
2 water water
#
_entity_poly.entity_id   1
_entity_poly.type   'polypeptide(L)'
_entity_poly.pdbx_seq_one_letter_code
;LVPRGSHMKTKMSFGEALEVLKQGMQVYRSGWNGKNMFLFLKSSDALASDFGFGFGEYINEPVFGNIIFIKTADNKIHAW
VPSQTDVLAEDWDIVS
;
_entity_poly.pdbx_strand_id   B,C,D,E,F,A
#
# COMPACT_ATOMS: atom_id res chain seq x y z
N MET A 8 -3.82 -24.47 35.97
CA MET A 8 -2.60 -23.91 35.38
C MET A 8 -2.56 -24.04 33.85
N LYS A 9 -2.33 -22.92 33.15
CA LYS A 9 -2.26 -22.88 31.70
C LYS A 9 -0.83 -22.53 31.25
N THR A 10 -0.39 -23.12 30.16
CA THR A 10 1.02 -23.06 29.80
C THR A 10 1.37 -21.86 28.92
N LYS A 11 0.50 -21.51 28.00
CA LYS A 11 0.65 -20.18 27.43
C LYS A 11 -0.74 -19.53 27.37
N MET A 12 -0.65 -18.32 26.85
CA MET A 12 -1.80 -17.51 26.83
C MET A 12 -2.41 -17.16 25.54
N SER A 13 -3.66 -16.79 25.62
CA SER A 13 -4.38 -16.29 24.51
C SER A 13 -4.04 -14.84 24.33
N PHE A 14 -4.46 -14.26 23.24
CA PHE A 14 -4.28 -12.84 23.00
C PHE A 14 -4.98 -11.98 24.02
N GLY A 15 -6.12 -12.40 24.51
CA GLY A 15 -6.76 -11.65 25.55
C GLY A 15 -5.97 -11.52 26.83
N GLU A 16 -5.33 -12.59 27.25
CA GLU A 16 -4.48 -12.55 28.38
C GLU A 16 -3.28 -11.70 28.15
N ALA A 17 -2.76 -11.77 26.95
CA ALA A 17 -1.66 -10.96 26.59
C ALA A 17 -2.00 -9.51 26.62
N LEU A 18 -3.18 -9.18 26.19
CA LEU A 18 -3.61 -7.82 26.28
C LEU A 18 -3.68 -7.33 27.72
N GLU A 19 -4.12 -8.18 28.62
CA GLU A 19 -4.17 -7.83 30.00
C GLU A 19 -2.79 -7.64 30.51
N VAL A 20 -1.89 -8.54 30.11
CA VAL A 20 -0.50 -8.31 30.45
C VAL A 20 -0.03 -6.96 29.93
N LEU A 21 -0.36 -6.64 28.67
CA LEU A 21 0.05 -5.37 28.07
C LEU A 21 -0.49 -4.20 28.85
N LYS A 22 -1.76 -4.31 29.25
CA LYS A 22 -2.39 -3.21 29.95
C LYS A 22 -1.77 -3.02 31.31
N GLN A 23 -1.06 -3.98 31.85
CA GLN A 23 -0.36 -3.82 33.08
C GLN A 23 1.02 -3.19 32.90
N GLY A 24 1.44 -3.02 31.66
CA GLY A 24 2.75 -2.49 31.38
C GLY A 24 3.85 -3.44 31.01
N MET A 25 3.50 -4.68 30.86
CA MET A 25 4.47 -5.62 30.46
C MET A 25 4.61 -5.91 28.98
N GLN A 26 5.73 -6.47 28.62
CA GLN A 26 6.00 -6.83 27.29
C GLN A 26 5.59 -8.25 26.95
N VAL A 27 4.98 -8.42 25.81
CA VAL A 27 4.51 -9.71 25.36
C VAL A 27 5.03 -10.14 24.00
N TYR A 28 5.16 -11.42 23.82
CA TYR A 28 5.63 -11.97 22.59
C TYR A 28 4.96 -13.29 22.22
N ARG A 29 4.99 -13.65 20.95
CA ARG A 29 4.51 -14.94 20.53
C ARG A 29 5.66 -15.85 20.26
N SER A 30 5.58 -17.05 20.77
CA SER A 30 6.60 -18.03 20.53
C SER A 30 6.70 -18.38 19.04
N GLY A 31 5.59 -18.45 18.35
CA GLY A 31 5.56 -18.75 16.95
C GLY A 31 6.13 -17.72 16.02
N TRP A 32 6.46 -16.56 16.55
CA TRP A 32 7.08 -15.55 15.76
C TRP A 32 8.42 -15.96 15.24
N ASN A 33 8.68 -15.61 14.00
CA ASN A 33 9.92 -15.98 13.37
C ASN A 33 11.10 -15.29 13.93
N GLY A 34 10.93 -14.01 14.16
CA GLY A 34 12.02 -13.22 14.64
C GLY A 34 12.38 -13.40 16.06
N LYS A 35 13.57 -12.95 16.43
CA LYS A 35 14.01 -13.00 17.78
C LYS A 35 14.00 -11.62 18.27
N ASN A 36 14.13 -11.42 19.57
CA ASN A 36 14.19 -10.10 20.15
C ASN A 36 13.07 -9.26 19.64
N MET A 37 11.86 -9.75 19.82
CA MET A 37 10.72 -9.09 19.22
C MET A 37 9.62 -9.07 20.27
N PHE A 38 8.99 -7.92 20.50
CA PHE A 38 7.90 -7.98 21.46
C PHE A 38 6.99 -6.78 21.28
N LEU A 39 5.85 -6.83 21.94
CA LEU A 39 4.91 -5.72 22.00
C LEU A 39 5.01 -4.98 23.34
N PHE A 40 4.70 -3.70 23.30
CA PHE A 40 4.50 -2.99 24.56
C PHE A 40 3.45 -1.91 24.32
N LEU A 41 2.74 -1.56 25.36
CA LEU A 41 1.66 -0.59 25.32
C LEU A 41 2.13 0.74 25.86
N LYS A 42 1.98 1.80 25.06
CA LYS A 42 2.23 3.16 25.53
C LYS A 42 0.89 3.85 25.75
N SER A 43 0.70 4.34 26.97
CA SER A 43 -0.50 5.05 27.39
C SER A 43 -0.64 6.40 26.68
N SER A 44 -1.88 6.87 26.63
CA SER A 44 -2.21 8.18 26.07
C SER A 44 -1.28 9.29 26.56
N ASP A 45 -1.16 9.43 27.87
CA ASP A 45 -0.57 10.64 28.44
C ASP A 45 0.89 10.81 28.01
N ALA A 46 1.69 9.74 28.08
CA ALA A 46 3.08 9.84 27.65
C ALA A 46 3.18 10.10 26.15
N LEU A 47 2.15 9.71 25.39
CA LEU A 47 2.14 10.01 23.96
C LEU A 47 2.03 11.52 23.72
N ALA A 48 1.06 12.17 24.36
CA ALA A 48 0.81 13.61 24.21
C ALA A 48 2.05 14.46 24.50
N GLU A 61 -10.21 19.03 19.62
CA GLU A 61 -9.05 18.91 20.49
C GLU A 61 -8.55 17.47 20.55
N PRO A 62 -7.74 17.07 19.55
CA PRO A 62 -7.31 15.67 19.46
C PRO A 62 -6.60 15.15 20.72
N VAL A 63 -7.11 14.04 21.22
CA VAL A 63 -6.60 13.34 22.40
C VAL A 63 -6.01 12.01 21.93
N PHE A 64 -4.72 11.77 22.23
CA PHE A 64 -4.11 10.48 21.91
C PHE A 64 -4.79 9.34 22.65
N GLY A 65 -4.87 8.20 21.97
CA GLY A 65 -5.23 6.95 22.62
C GLY A 65 -3.96 6.18 23.00
N ASN A 66 -4.19 5.01 23.59
CA ASN A 66 -3.12 4.07 23.80
C ASN A 66 -2.62 3.59 22.44
N ILE A 67 -1.34 3.26 22.37
CA ILE A 67 -0.79 2.73 21.14
C ILE A 67 0.02 1.51 21.47
N ILE A 68 -0.20 0.45 20.75
CA ILE A 68 0.58 -0.74 20.93
C ILE A 68 1.72 -0.68 19.95
N PHE A 69 2.91 -0.98 20.42
CA PHE A 69 4.10 -0.86 19.63
C PHE A 69 4.71 -2.23 19.52
N ILE A 70 5.32 -2.51 18.38
CA ILE A 70 6.10 -3.72 18.22
C ILE A 70 7.54 -3.29 18.05
N LYS A 71 8.41 -3.96 18.75
CA LYS A 71 9.80 -3.71 18.66
C LYS A 71 10.37 -4.87 17.97
N THR A 72 11.16 -4.60 16.97
CA THR A 72 11.67 -5.63 16.16
C THR A 72 13.12 -5.90 16.37
N ALA A 73 13.62 -7.00 15.84
CA ALA A 73 15.02 -7.40 16.04
C ALA A 73 16.00 -6.44 15.48
N ASP A 74 15.55 -5.61 14.57
CA ASP A 74 16.38 -4.61 14.01
C ASP A 74 16.46 -3.43 14.95
N ASN A 75 15.94 -3.57 16.17
CA ASN A 75 15.92 -2.49 17.15
C ASN A 75 15.05 -1.30 16.76
N LYS A 76 14.04 -1.52 15.98
CA LYS A 76 13.11 -0.46 15.66
C LYS A 76 11.72 -0.65 16.25
N ILE A 77 10.99 0.43 16.37
CA ILE A 77 9.69 0.37 16.92
C ILE A 77 8.62 0.90 15.99
N HIS A 78 7.60 0.10 15.75
CA HIS A 78 6.56 0.49 14.83
C HIS A 78 5.23 0.35 15.52
N ALA A 79 4.26 1.15 15.13
CA ALA A 79 2.91 0.85 15.54
C ALA A 79 2.61 -0.57 15.11
N TRP A 80 1.93 -1.30 15.95
CA TRP A 80 1.69 -2.71 15.70
C TRP A 80 0.38 -2.88 14.96
N VAL A 81 0.41 -3.68 13.90
CA VAL A 81 -0.85 -4.05 13.24
C VAL A 81 -1.09 -5.53 13.58
N PRO A 82 -2.04 -5.82 14.45
CA PRO A 82 -2.23 -7.24 14.85
C PRO A 82 -2.59 -8.10 13.66
N SER A 83 -1.87 -9.19 13.48
CA SER A 83 -2.21 -10.11 12.43
C SER A 83 -3.33 -11.06 12.91
N GLN A 84 -3.97 -11.71 11.96
CA GLN A 84 -5.06 -12.64 12.28
C GLN A 84 -4.52 -13.83 13.02
N THR A 85 -3.41 -14.41 12.52
CA THR A 85 -2.82 -15.51 13.29
C THR A 85 -2.50 -15.04 14.73
N ASP A 86 -1.93 -13.83 14.88
CA ASP A 86 -1.57 -13.31 16.19
C ASP A 86 -2.77 -13.29 17.12
N VAL A 87 -3.85 -12.68 16.66
CA VAL A 87 -5.09 -12.57 17.41
C VAL A 87 -5.65 -13.94 17.79
N LEU A 88 -5.55 -14.92 16.89
CA LEU A 88 -6.08 -16.24 17.21
C LEU A 88 -5.10 -17.09 17.99
N ALA A 89 -3.83 -16.71 18.06
CA ALA A 89 -2.88 -17.69 18.56
C ALA A 89 -2.96 -17.79 20.08
N GLU A 90 -2.28 -18.80 20.60
CA GLU A 90 -2.29 -19.07 22.02
C GLU A 90 -0.91 -19.42 22.50
N ASP A 91 0.10 -18.92 21.79
CA ASP A 91 1.50 -19.05 22.17
C ASP A 91 2.09 -17.74 22.71
N TRP A 92 1.24 -16.91 23.32
CA TRP A 92 1.71 -15.64 23.84
C TRP A 92 2.43 -15.88 25.16
N ASP A 93 3.30 -14.94 25.53
CA ASP A 93 4.16 -15.09 26.68
C ASP A 93 4.65 -13.72 27.08
N ILE A 94 5.13 -13.64 28.29
CA ILE A 94 5.72 -12.41 28.82
C ILE A 94 7.18 -12.42 28.46
N VAL A 95 7.70 -11.28 28.05
CA VAL A 95 9.14 -11.15 27.80
C VAL A 95 9.86 -10.98 29.14
N SER A 96 10.63 -11.98 29.56
CA SER A 96 11.33 -11.86 30.87
C SER A 96 12.85 -12.01 30.77
N LEU B 1 3.66 36.56 -10.99
CA LEU B 1 4.81 35.71 -11.27
C LEU B 1 4.36 34.26 -11.62
N VAL B 2 3.78 33.52 -10.68
CA VAL B 2 3.56 32.08 -10.81
C VAL B 2 2.07 31.78 -11.03
N PRO B 3 1.75 31.17 -12.25
CA PRO B 3 0.35 30.85 -12.47
C PRO B 3 -0.23 29.71 -11.71
N ARG B 4 -1.48 29.85 -11.38
CA ARG B 4 -2.18 28.81 -10.67
C ARG B 4 -2.51 27.61 -11.51
N GLY B 5 -2.41 26.43 -10.92
CA GLY B 5 -2.72 25.22 -11.62
C GLY B 5 -4.11 24.76 -11.37
N SER B 6 -4.58 23.86 -12.18
CA SER B 6 -5.95 23.41 -12.06
C SER B 6 -6.03 22.15 -11.22
N HIS B 7 -7.09 22.04 -10.44
CA HIS B 7 -7.42 20.76 -9.87
C HIS B 7 -8.02 19.86 -10.93
N MET B 8 -7.35 18.76 -11.21
CA MET B 8 -8.07 17.71 -11.86
C MET B 8 -8.81 16.88 -10.82
N LYS B 9 -9.83 16.18 -11.26
CA LYS B 9 -10.73 15.55 -10.30
C LYS B 9 -10.34 14.12 -9.98
N THR B 10 -9.16 13.68 -10.42
CA THR B 10 -8.80 12.28 -10.30
C THR B 10 -8.38 11.95 -8.86
N LYS B 11 -8.70 10.72 -8.43
CA LYS B 11 -8.27 10.18 -7.14
C LYS B 11 -7.28 9.03 -7.36
N MET B 12 -6.54 8.71 -6.30
CA MET B 12 -5.31 7.93 -6.47
C MET B 12 -5.35 6.69 -5.59
N SER B 13 -4.41 5.80 -5.88
CA SER B 13 -4.31 4.56 -5.15
C SER B 13 -3.60 4.77 -3.81
N PHE B 14 -3.58 3.77 -2.97
CA PHE B 14 -2.92 3.86 -1.68
C PHE B 14 -1.43 4.01 -1.85
N GLY B 15 -0.91 3.48 -2.93
CA GLY B 15 0.50 3.56 -3.17
C GLY B 15 0.90 4.99 -3.34
N GLU B 16 0.11 5.72 -4.07
CA GLU B 16 0.36 7.11 -4.24
C GLU B 16 0.16 7.90 -2.98
N ALA B 17 -0.84 7.56 -2.21
CA ALA B 17 -1.11 8.27 -0.97
C ALA B 17 0.00 8.09 0.02
N LEU B 18 0.61 6.94 0.01
CA LEU B 18 1.72 6.68 0.85
C LEU B 18 2.90 7.58 0.52
N GLU B 19 3.19 7.77 -0.76
CA GLU B 19 4.34 8.57 -1.15
C GLU B 19 4.09 9.96 -0.71
N VAL B 20 2.86 10.39 -0.80
CA VAL B 20 2.52 11.66 -0.30
C VAL B 20 2.73 11.74 1.19
N LEU B 21 2.32 10.71 1.92
CA LEU B 21 2.46 10.70 3.35
C LEU B 21 3.93 10.76 3.67
N LYS B 22 4.72 10.10 2.87
CA LYS B 22 6.17 10.13 3.05
C LYS B 22 6.80 11.48 2.68
N GLN B 23 6.14 12.28 1.84
CA GLN B 23 6.54 13.66 1.61
C GLN B 23 6.06 14.57 2.71
N GLY B 24 5.35 14.04 3.69
CA GLY B 24 4.91 14.83 4.80
C GLY B 24 3.55 15.44 4.64
N MET B 25 2.83 15.11 3.59
CA MET B 25 1.48 15.66 3.47
C MET B 25 0.46 14.69 4.08
N GLN B 26 -0.73 15.22 4.39
CA GLN B 26 -1.81 14.43 4.95
C GLN B 26 -2.74 13.90 3.85
N VAL B 27 -3.41 12.77 4.12
CA VAL B 27 -4.26 12.11 3.12
C VAL B 27 -5.56 11.68 3.77
N TYR B 28 -6.47 11.18 2.92
CA TYR B 28 -7.78 10.82 3.44
C TYR B 28 -8.48 10.09 2.31
N ARG B 29 -9.38 9.18 2.66
CA ARG B 29 -10.17 8.46 1.67
C ARG B 29 -11.52 9.15 1.58
N SER B 30 -11.97 9.44 0.37
CA SER B 30 -13.34 9.95 0.26
C SER B 30 -14.31 8.91 0.79
N GLY B 31 -14.05 7.63 0.48
CA GLY B 31 -14.98 6.56 0.81
C GLY B 31 -15.33 6.47 2.29
N TRP B 32 -14.38 6.80 3.16
CA TRP B 32 -14.72 7.03 4.57
C TRP B 32 -15.92 7.95 4.63
N ASN B 33 -16.98 7.47 5.27
CA ASN B 33 -18.19 8.31 5.33
C ASN B 33 -18.00 9.49 6.29
N GLY B 34 -17.08 9.40 7.25
CA GLY B 34 -16.86 10.49 8.18
C GLY B 34 -15.94 11.59 7.64
N LYS B 35 -16.04 12.75 8.28
CA LYS B 35 -15.30 13.94 7.92
C LYS B 35 -14.36 14.37 9.06
N ASN B 36 -13.38 15.19 8.70
CA ASN B 36 -12.32 15.64 9.60
C ASN B 36 -11.40 14.48 10.01
N MET B 37 -11.22 13.51 9.11
CA MET B 37 -10.37 12.36 9.34
C MET B 37 -9.16 12.45 8.41
N PHE B 38 -7.97 12.13 8.91
CA PHE B 38 -6.88 12.06 7.94
C PHE B 38 -5.70 11.28 8.48
N LEU B 39 -4.94 10.72 7.58
CA LEU B 39 -3.71 10.12 7.99
C LEU B 39 -2.66 11.23 8.10
N PHE B 40 -1.56 10.91 8.77
CA PHE B 40 -0.36 11.72 8.67
C PHE B 40 0.78 10.85 9.10
N LEU B 41 1.96 11.13 8.56
CA LEU B 41 3.12 10.34 8.92
C LEU B 41 3.90 11.14 9.93
N LYS B 42 4.61 10.44 10.80
CA LYS B 42 5.59 11.05 11.67
C LYS B 42 6.85 10.25 11.47
N SER B 43 7.94 10.96 11.27
CA SER B 43 9.19 10.33 10.92
C SER B 43 9.91 9.93 12.20
N SER B 44 11.01 9.19 12.01
CA SER B 44 11.84 8.72 13.13
C SER B 44 12.31 9.85 14.05
N ASP B 45 12.86 10.92 13.49
CA ASP B 45 13.45 11.97 14.33
C ASP B 45 12.37 12.82 14.98
N ALA B 46 11.33 13.15 14.22
CA ALA B 46 10.20 13.82 14.83
C ALA B 46 9.63 13.00 15.98
N LEU B 47 9.69 11.66 15.89
CA LEU B 47 9.16 10.80 16.96
C LEU B 47 10.07 10.77 18.19
N ALA B 48 11.39 10.66 17.97
CA ALA B 48 12.33 10.79 19.09
C ALA B 48 12.16 12.13 19.79
N SER B 49 11.94 13.20 19.02
CA SER B 49 11.59 14.50 19.58
C SER B 49 10.31 14.43 20.43
N ASP B 50 9.20 13.96 19.81
CA ASP B 50 7.86 14.19 20.36
C ASP B 50 7.50 13.27 21.53
N PHE B 51 8.17 12.12 21.65
CA PHE B 51 8.05 11.34 22.88
C PHE B 51 9.28 11.49 23.77
N GLY B 52 10.36 12.08 23.24
CA GLY B 52 11.58 12.28 23.99
C GLY B 52 12.46 11.06 24.08
N PHE B 53 12.32 10.11 23.17
CA PHE B 53 13.02 8.85 23.31
C PHE B 53 13.54 8.39 21.97
N GLY B 54 14.75 7.85 21.95
CA GLY B 54 15.27 7.16 20.79
C GLY B 54 16.15 8.01 19.90
N PHE B 55 17.08 8.73 20.49
CA PHE B 55 17.95 9.58 19.72
C PHE B 55 19.26 8.88 19.34
N GLY B 56 19.37 7.59 19.59
CA GLY B 56 20.56 6.85 19.15
C GLY B 56 21.87 6.84 19.94
N GLU B 57 21.89 7.40 21.13
CA GLU B 57 23.08 7.44 21.98
C GLU B 57 23.52 6.08 22.48
N TYR B 58 22.60 5.12 22.54
CA TYR B 58 22.91 3.81 23.09
C TYR B 58 22.67 2.71 22.10
N ILE B 59 23.53 1.71 22.11
CA ILE B 59 23.46 0.65 21.15
C ILE B 59 22.24 -0.19 21.17
N ASN B 60 21.83 -0.58 22.34
CA ASN B 60 20.69 -1.45 22.42
C ASN B 60 19.46 -0.61 22.57
N GLU B 61 19.61 0.70 22.47
CA GLU B 61 18.47 1.58 22.51
C GLU B 61 17.75 1.43 21.21
N PRO B 62 16.44 1.42 21.29
CA PRO B 62 15.68 1.33 20.08
C PRO B 62 15.25 2.66 19.55
N VAL B 63 15.05 2.75 18.24
CA VAL B 63 14.54 3.97 17.64
C VAL B 63 13.14 3.70 17.10
N PHE B 64 12.25 4.69 17.26
CA PHE B 64 10.98 4.69 16.56
C PHE B 64 11.18 4.81 15.06
N GLY B 65 10.70 3.81 14.31
CA GLY B 65 10.62 3.91 12.86
C GLY B 65 9.60 4.98 12.48
N ASN B 66 9.28 5.02 11.19
CA ASN B 66 8.14 5.83 10.75
C ASN B 66 6.82 5.31 11.31
N ILE B 67 5.86 6.22 11.49
CA ILE B 67 4.57 5.81 12.02
C ILE B 67 3.47 6.60 11.34
N ILE B 68 2.45 5.91 10.82
CA ILE B 68 1.28 6.55 10.29
C ILE B 68 0.27 6.66 11.40
N PHE B 69 -0.13 7.86 11.71
CA PHE B 69 -1.22 8.07 12.63
C PHE B 69 -2.43 8.42 11.82
N ILE B 70 -3.57 8.44 12.51
CA ILE B 70 -4.80 8.87 11.93
C ILE B 70 -5.49 9.75 12.94
N LYS B 71 -5.87 10.94 12.54
CA LYS B 71 -6.64 11.75 13.43
C LYS B 71 -8.04 11.41 13.11
N THR B 72 -8.80 11.05 14.11
CA THR B 72 -10.14 10.61 13.89
C THR B 72 -11.20 11.68 13.90
N ALA B 73 -12.40 11.28 13.57
CA ALA B 73 -13.49 12.22 13.52
C ALA B 73 -13.76 12.76 14.92
N ASP B 74 -13.38 11.97 15.91
CA ASP B 74 -13.77 12.17 17.28
C ASP B 74 -12.67 12.90 17.94
N ASN B 75 -11.80 13.46 17.14
CA ASN B 75 -10.65 14.16 17.66
C ASN B 75 -9.82 13.28 18.53
N LYS B 76 -9.43 12.11 18.03
CA LYS B 76 -8.48 11.28 18.73
C LYS B 76 -7.34 10.93 17.76
N ILE B 77 -6.12 10.83 18.24
CA ILE B 77 -5.05 10.38 17.38
C ILE B 77 -4.64 8.96 17.75
N HIS B 78 -4.73 8.04 16.80
CA HIS B 78 -4.33 6.68 17.01
C HIS B 78 -3.38 6.19 15.97
N ALA B 79 -2.58 5.19 16.27
CA ALA B 79 -1.80 4.55 15.23
C ALA B 79 -2.75 3.87 14.25
N TRP B 80 -2.50 4.06 12.98
CA TRP B 80 -3.47 3.70 11.95
C TRP B 80 -3.24 2.27 11.53
N VAL B 81 -4.32 1.51 11.53
CA VAL B 81 -4.33 0.16 10.99
C VAL B 81 -5.07 0.21 9.66
N PRO B 82 -4.43 -0.12 8.55
CA PRO B 82 -5.10 -0.09 7.23
C PRO B 82 -6.05 -1.27 7.07
N SER B 83 -7.33 -1.02 6.81
CA SER B 83 -8.11 -2.17 6.37
C SER B 83 -7.68 -2.59 4.97
N GLN B 84 -8.10 -3.78 4.56
CA GLN B 84 -7.76 -4.25 3.22
C GLN B 84 -8.42 -3.37 2.14
N THR B 85 -9.68 -2.94 2.35
CA THR B 85 -10.27 -2.10 1.33
C THR B 85 -9.59 -0.74 1.28
N ASP B 86 -9.20 -0.20 2.45
CA ASP B 86 -8.23 0.91 2.55
C ASP B 86 -7.08 0.73 1.58
N VAL B 87 -6.45 -0.46 1.63
CA VAL B 87 -5.26 -0.69 0.83
C VAL B 87 -5.60 -0.77 -0.65
N LEU B 88 -6.69 -1.43 -0.99
CA LEU B 88 -7.06 -1.62 -2.39
C LEU B 88 -7.78 -0.42 -2.98
N ALA B 89 -8.23 0.53 -2.16
CA ALA B 89 -9.08 1.60 -2.63
C ALA B 89 -8.32 2.59 -3.50
N GLU B 90 -9.08 3.37 -4.25
CA GLU B 90 -8.57 4.34 -5.19
C GLU B 90 -9.32 5.65 -5.08
N ASP B 91 -9.93 5.90 -3.93
CA ASP B 91 -10.58 7.15 -3.56
C ASP B 91 -9.72 7.97 -2.59
N TRP B 92 -8.41 7.78 -2.63
CA TRP B 92 -7.54 8.56 -1.76
C TRP B 92 -7.31 9.94 -2.35
N ASP B 93 -7.14 10.93 -1.47
CA ASP B 93 -6.89 12.30 -1.90
C ASP B 93 -6.07 13.03 -0.84
N ILE B 94 -5.41 14.12 -1.28
CA ILE B 94 -4.56 14.94 -0.44
C ILE B 94 -5.43 15.97 0.28
N VAL B 95 -5.05 16.32 1.49
CA VAL B 95 -5.84 17.22 2.31
C VAL B 95 -5.41 18.65 1.98
N SER B 96 -6.38 19.52 1.68
CA SER B 96 -6.02 20.85 1.18
C SER B 96 -6.12 21.96 2.24
N PRO C 3 12.49 -5.90 -27.13
CA PRO C 3 11.09 -5.71 -26.80
C PRO C 3 10.77 -6.08 -25.39
N ARG C 4 11.78 -6.47 -24.66
CA ARG C 4 11.56 -6.79 -23.28
C ARG C 4 12.38 -5.83 -22.45
N GLY C 5 11.82 -5.30 -21.38
CA GLY C 5 12.50 -4.34 -20.55
C GLY C 5 13.71 -4.69 -19.71
N SER C 6 14.25 -3.70 -19.00
CA SER C 6 15.41 -3.91 -18.18
C SER C 6 15.25 -3.31 -16.79
N HIS C 7 15.77 -3.97 -15.76
CA HIS C 7 15.59 -3.51 -14.39
C HIS C 7 16.39 -2.32 -13.94
N MET C 8 15.83 -1.13 -14.03
CA MET C 8 16.48 0.10 -13.55
C MET C 8 16.75 0.19 -12.04
N LYS C 9 15.84 -0.29 -11.20
CA LYS C 9 16.02 -0.07 -9.77
C LYS C 9 15.87 -1.30 -8.90
N THR C 10 16.61 -1.37 -7.81
CA THR C 10 16.41 -2.45 -6.86
C THR C 10 15.17 -2.26 -6.02
N LYS C 11 14.95 -1.05 -5.56
CA LYS C 11 13.86 -0.79 -4.64
C LYS C 11 12.45 -0.82 -5.18
N MET C 12 11.52 -1.38 -4.43
CA MET C 12 10.13 -1.37 -4.83
C MET C 12 9.29 -1.02 -3.63
N SER C 13 8.44 -0.04 -3.76
CA SER C 13 7.61 0.38 -2.68
C SER C 13 6.38 -0.47 -2.59
N PHE C 14 5.59 -0.28 -1.56
CA PHE C 14 4.34 -0.99 -1.44
C PHE C 14 3.43 -0.63 -2.59
N GLY C 15 3.44 0.63 -2.98
CA GLY C 15 2.56 1.06 -4.04
C GLY C 15 2.78 0.34 -5.33
N GLU C 16 4.02 0.08 -5.63
CA GLU C 16 4.31 -0.60 -6.82
C GLU C 16 3.96 -2.03 -6.61
N ALA C 17 4.15 -2.53 -5.43
CA ALA C 17 3.77 -3.88 -5.16
C ALA C 17 2.29 -4.06 -5.25
N LEU C 18 1.56 -3.07 -4.83
CA LEU C 18 0.14 -3.15 -4.85
C LEU C 18 -0.38 -3.25 -6.25
N GLU C 19 0.12 -2.43 -7.13
CA GLU C 19 -0.35 -2.43 -8.46
C GLU C 19 -0.08 -3.72 -9.15
N VAL C 20 1.04 -4.29 -8.85
CA VAL C 20 1.37 -5.55 -9.39
C VAL C 20 0.37 -6.57 -8.89
N LEU C 21 0.01 -6.51 -7.60
CA LEU C 21 -1.01 -7.42 -7.04
C LEU C 21 -2.35 -7.28 -7.73
N LYS C 22 -2.74 -6.06 -8.03
CA LYS C 22 -4.00 -5.80 -8.67
C LYS C 22 -3.99 -6.26 -10.11
N GLN C 23 -2.83 -6.49 -10.67
CA GLN C 23 -2.72 -7.00 -12.02
C GLN C 23 -2.51 -8.44 -11.84
N GLY C 24 -2.95 -8.96 -10.74
CA GLY C 24 -2.93 -10.39 -10.52
C GLY C 24 -1.61 -10.96 -10.46
N MET C 25 -0.68 -10.23 -9.86
CA MET C 25 0.64 -10.71 -9.73
C MET C 25 1.05 -10.81 -8.28
N GLN C 26 1.97 -11.69 -7.98
CA GLN C 26 2.41 -11.94 -6.62
C GLN C 26 3.63 -11.15 -6.10
N VAL C 27 3.66 -10.76 -4.83
CA VAL C 27 4.73 -9.93 -4.27
C VAL C 27 5.22 -10.39 -2.93
N TYR C 28 6.44 -10.04 -2.55
CA TYR C 28 6.99 -10.42 -1.25
C TYR C 28 8.02 -9.38 -0.86
N ARG C 29 8.52 -9.48 0.37
CA ARG C 29 9.50 -8.53 0.89
C ARG C 29 10.77 -9.27 1.24
N SER C 30 11.91 -8.70 0.81
CA SER C 30 13.23 -9.23 1.17
C SER C 30 13.44 -9.25 2.68
N GLY C 31 12.96 -8.23 3.39
CA GLY C 31 13.17 -8.14 4.84
C GLY C 31 12.44 -9.19 5.66
N TRP C 32 11.48 -9.88 5.08
CA TRP C 32 10.73 -10.81 5.82
C TRP C 32 11.57 -11.92 6.30
N ASN C 33 11.31 -12.34 7.51
CA ASN C 33 12.00 -13.48 8.02
C ASN C 33 11.22 -14.65 7.48
N GLY C 34 11.86 -15.55 6.76
CA GLY C 34 11.14 -16.63 6.14
C GLY C 34 11.30 -16.64 4.62
N LYS C 35 10.81 -17.68 3.97
CA LYS C 35 10.90 -17.79 2.51
C LYS C 35 9.66 -18.34 1.91
N ASN C 36 9.53 -18.21 0.61
CA ASN C 36 8.37 -18.71 -0.10
C ASN C 36 7.16 -18.12 0.50
N MET C 37 7.28 -16.85 0.84
CA MET C 37 6.20 -16.15 1.41
C MET C 37 5.87 -15.14 0.40
N PHE C 38 4.60 -15.00 0.12
CA PHE C 38 4.18 -14.01 -0.78
C PHE C 38 2.78 -13.62 -0.64
N LEU C 39 2.49 -12.45 -1.12
CA LEU C 39 1.10 -12.00 -1.17
C LEU C 39 0.47 -12.37 -2.51
N PHE C 40 -0.86 -12.59 -2.48
CA PHE C 40 -1.65 -12.63 -3.69
C PHE C 40 -2.99 -11.99 -3.42
N LEU C 41 -3.68 -11.63 -4.49
CA LEU C 41 -5.00 -11.03 -4.36
C LEU C 41 -6.01 -11.96 -5.02
N LYS C 42 -7.14 -12.20 -4.35
CA LYS C 42 -8.29 -12.91 -4.94
C LYS C 42 -9.49 -11.98 -5.03
N SER C 43 -10.11 -11.97 -6.19
CA SER C 43 -11.27 -11.14 -6.44
C SER C 43 -12.52 -11.83 -5.89
N SER C 44 -13.62 -11.09 -5.87
CA SER C 44 -14.89 -11.63 -5.42
C SER C 44 -15.22 -12.96 -6.11
N ASP C 45 -15.11 -12.99 -7.45
CA ASP C 45 -15.53 -14.18 -8.20
C ASP C 45 -14.56 -15.32 -7.99
N ALA C 46 -13.25 -15.04 -8.07
CA ALA C 46 -12.28 -16.09 -7.75
C ALA C 46 -12.53 -16.65 -6.35
N LEU C 47 -12.98 -15.83 -5.42
CA LEU C 47 -13.17 -16.41 -4.08
C LEU C 47 -14.44 -17.25 -4.00
N ALA C 48 -15.54 -16.78 -4.60
CA ALA C 48 -16.72 -17.65 -4.73
C ALA C 48 -16.33 -19.03 -5.25
N SER C 49 -15.51 -19.06 -6.29
CA SER C 49 -15.09 -20.37 -6.81
C SER C 49 -14.15 -21.12 -5.85
N ASP C 50 -13.22 -20.43 -5.17
CA ASP C 50 -12.23 -21.16 -4.37
C ASP C 50 -12.80 -21.66 -3.05
N PHE C 51 -13.72 -20.90 -2.46
CA PHE C 51 -14.32 -21.25 -1.19
C PHE C 51 -15.66 -21.93 -1.33
N GLY C 52 -16.22 -21.97 -2.55
CA GLY C 52 -17.52 -22.58 -2.79
C GLY C 52 -18.71 -21.84 -2.19
N PHE C 53 -18.59 -20.53 -1.99
CA PHE C 53 -19.62 -19.73 -1.33
C PHE C 53 -19.49 -18.29 -1.81
N GLY C 54 -20.63 -17.62 -1.88
CA GLY C 54 -20.62 -16.21 -2.22
C GLY C 54 -21.01 -15.97 -3.66
N PHE C 55 -22.02 -16.70 -4.14
CA PHE C 55 -22.43 -16.63 -5.54
C PHE C 55 -23.45 -15.55 -5.82
N GLY C 56 -23.99 -14.92 -4.78
CA GLY C 56 -24.92 -13.82 -4.97
C GLY C 56 -26.26 -14.22 -5.54
N GLU C 57 -26.77 -15.41 -5.26
CA GLU C 57 -28.08 -15.80 -5.73
C GLU C 57 -29.16 -15.47 -4.75
N TYR C 58 -28.77 -14.95 -3.59
CA TYR C 58 -29.74 -14.63 -2.55
C TYR C 58 -29.62 -13.25 -2.08
N ILE C 59 -30.74 -12.55 -2.01
CA ILE C 59 -30.71 -11.23 -1.47
C ILE C 59 -30.41 -11.51 -0.04
N ASN C 60 -29.60 -10.69 0.59
CA ASN C 60 -29.17 -10.92 1.97
C ASN C 60 -28.19 -12.05 2.18
N GLU C 61 -27.56 -12.51 1.11
CA GLU C 61 -26.49 -13.45 1.29
C GLU C 61 -25.33 -12.65 0.87
N PRO C 62 -24.34 -12.60 1.72
CA PRO C 62 -23.19 -11.77 1.43
C PRO C 62 -22.27 -12.32 0.38
N VAL C 63 -21.49 -11.44 -0.24
CA VAL C 63 -20.53 -11.87 -1.24
C VAL C 63 -19.14 -11.43 -0.79
N PHE C 64 -18.13 -12.18 -1.20
CA PHE C 64 -16.76 -11.83 -0.91
C PHE C 64 -16.36 -10.58 -1.68
N GLY C 65 -15.71 -9.65 -0.99
CA GLY C 65 -14.94 -8.62 -1.63
C GLY C 65 -13.61 -9.19 -2.10
N ASN C 66 -12.78 -8.29 -2.60
CA ASN C 66 -11.37 -8.59 -2.87
C ASN C 66 -10.63 -8.81 -1.57
N ILE C 67 -9.72 -9.78 -1.59
CA ILE C 67 -9.01 -10.15 -0.39
C ILE C 67 -7.56 -10.41 -0.73
N ILE C 68 -6.68 -9.79 0.04
CA ILE C 68 -5.25 -10.03 -0.09
C ILE C 68 -4.90 -11.09 0.92
N PHE C 69 -4.19 -12.11 0.44
CA PHE C 69 -3.72 -13.19 1.26
C PHE C 69 -2.22 -13.22 1.26
N ILE C 70 -1.72 -13.95 2.21
CA ILE C 70 -0.33 -14.20 2.33
C ILE C 70 -0.11 -15.67 2.44
N LYS C 71 0.80 -16.20 1.65
CA LYS C 71 1.18 -17.58 1.77
C LYS C 71 2.43 -17.62 2.60
N THR C 72 2.44 -18.41 3.63
CA THR C 72 3.55 -18.50 4.52
C THR C 72 4.33 -19.75 4.25
N ALA C 73 5.41 -19.94 4.97
CA ALA C 73 6.29 -21.08 4.71
C ALA C 73 5.70 -22.38 5.15
N ASP C 74 4.63 -22.32 5.93
CA ASP C 74 3.98 -23.48 6.43
C ASP C 74 3.08 -24.07 5.37
N ASN C 75 3.08 -23.47 4.18
CA ASN C 75 2.21 -23.91 3.11
C ASN C 75 0.80 -23.61 3.56
N LYS C 76 0.64 -22.49 4.23
CA LYS C 76 -0.62 -22.03 4.72
C LYS C 76 -0.98 -20.67 4.23
N ILE C 77 -2.26 -20.42 4.10
CA ILE C 77 -2.73 -19.17 3.62
C ILE C 77 -3.53 -18.47 4.66
N HIS C 78 -3.25 -17.19 4.87
CA HIS C 78 -3.99 -16.41 5.78
C HIS C 78 -4.28 -15.13 5.14
N ALA C 79 -5.30 -14.45 5.61
CA ALA C 79 -5.60 -13.12 5.13
C ALA C 79 -4.46 -12.20 5.56
N TRP C 80 -4.08 -11.30 4.68
CA TRP C 80 -2.92 -10.48 4.93
C TRP C 80 -3.30 -9.22 5.66
N VAL C 81 -2.61 -9.00 6.76
CA VAL C 81 -2.74 -7.79 7.55
C VAL C 81 -1.64 -6.83 7.08
N PRO C 82 -1.97 -5.68 6.62
CA PRO C 82 -0.93 -4.75 6.16
C PRO C 82 -0.34 -3.97 7.32
N SER C 83 0.82 -4.42 7.81
CA SER C 83 1.49 -3.75 8.91
C SER C 83 2.08 -2.44 8.44
N GLN C 84 2.29 -1.52 9.40
CA GLN C 84 2.97 -0.28 9.06
C GLN C 84 4.33 -0.55 8.40
N THR C 85 5.07 -1.53 8.90
CA THR C 85 6.38 -1.84 8.32
C THR C 85 6.25 -2.32 6.88
N ASP C 86 5.39 -3.33 6.64
CA ASP C 86 5.14 -3.78 5.27
C ASP C 86 4.82 -2.60 4.36
N VAL C 87 3.91 -1.75 4.80
CA VAL C 87 3.41 -0.68 3.97
C VAL C 87 4.50 0.34 3.67
N LEU C 88 5.32 0.67 4.68
CA LEU C 88 6.38 1.63 4.47
C LEU C 88 7.60 1.02 3.80
N ALA C 89 7.74 -0.31 3.83
CA ALA C 89 8.95 -0.91 3.34
C ALA C 89 9.17 -0.56 1.87
N GLU C 90 10.42 -0.67 1.45
CA GLU C 90 10.75 -0.47 0.04
C GLU C 90 11.66 -1.56 -0.45
N ASP C 91 11.61 -2.72 0.22
CA ASP C 91 12.33 -3.91 -0.18
C ASP C 91 11.39 -4.95 -0.82
N TRP C 92 10.35 -4.48 -1.49
CA TRP C 92 9.43 -5.40 -2.13
C TRP C 92 10.04 -5.93 -3.43
N ASP C 93 9.74 -7.18 -3.74
CA ASP C 93 10.15 -7.76 -5.00
C ASP C 93 9.02 -8.64 -5.53
N ILE C 94 8.95 -8.70 -6.88
CA ILE C 94 7.97 -9.54 -7.56
C ILE C 94 8.44 -10.98 -7.56
N VAL C 95 7.49 -11.89 -7.39
CA VAL C 95 7.77 -13.31 -7.41
C VAL C 95 8.02 -13.68 -8.86
N SER C 96 9.21 -14.21 -9.15
CA SER C 96 9.51 -14.49 -10.55
C SER C 96 10.02 -15.90 -10.71
N MET D 8 11.45 10.97 6.03
CA MET D 8 11.23 12.06 5.08
C MET D 8 11.96 11.81 3.76
N LYS D 9 11.20 11.88 2.67
CA LYS D 9 11.70 11.66 1.32
C LYS D 9 11.81 13.05 0.66
N THR D 10 13.02 13.59 0.62
CA THR D 10 13.21 14.98 0.19
C THR D 10 12.70 15.16 -1.24
N LYS D 11 13.19 14.34 -2.16
CA LYS D 11 12.84 14.52 -3.55
C LYS D 11 11.81 13.57 -4.09
N MET D 12 11.11 14.00 -5.10
CA MET D 12 10.01 13.22 -5.63
C MET D 12 10.19 12.61 -6.99
N SER D 13 9.48 11.53 -7.26
CA SER D 13 9.48 10.93 -8.54
C SER D 13 8.56 11.72 -9.39
N PHE D 14 8.48 11.42 -10.66
CA PHE D 14 7.51 12.09 -11.50
C PHE D 14 6.05 11.82 -11.11
N GLY D 15 5.73 10.62 -10.70
CA GLY D 15 4.37 10.33 -10.29
C GLY D 15 3.88 11.15 -9.15
N GLU D 16 4.73 11.35 -8.19
CA GLU D 16 4.38 12.18 -7.08
C GLU D 16 4.22 13.60 -7.47
N ALA D 17 5.08 14.05 -8.35
CA ALA D 17 5.00 15.39 -8.82
C ALA D 17 3.77 15.54 -9.67
N LEU D 18 3.44 14.48 -10.37
CA LEU D 18 2.26 14.49 -11.23
C LEU D 18 0.98 14.59 -10.40
N GLU D 19 0.93 13.94 -9.24
CA GLU D 19 -0.32 14.02 -8.49
C GLU D 19 -0.42 15.35 -7.75
N VAL D 20 0.72 15.90 -7.33
CA VAL D 20 0.75 17.30 -6.93
C VAL D 20 0.31 18.24 -8.05
N LEU D 21 0.85 18.08 -9.27
CA LEU D 21 0.38 18.85 -10.42
C LEU D 21 -1.11 18.86 -10.52
N LYS D 22 -1.71 17.66 -10.44
CA LYS D 22 -3.15 17.45 -10.51
C LYS D 22 -3.88 18.01 -9.28
N GLN D 23 -3.16 18.41 -8.24
CA GLN D 23 -3.69 19.25 -7.17
C GLN D 23 -3.49 20.74 -7.44
N GLY D 24 -2.97 21.11 -8.62
CA GLY D 24 -2.84 22.49 -8.97
C GLY D 24 -1.61 23.18 -8.45
N MET D 25 -0.67 22.46 -7.86
CA MET D 25 0.57 23.12 -7.52
C MET D 25 1.59 23.03 -8.65
N GLN D 26 2.58 23.87 -8.56
CA GLN D 26 3.68 23.92 -9.49
C GLN D 26 4.83 23.05 -9.01
N VAL D 27 5.38 22.25 -9.93
CA VAL D 27 6.45 21.31 -9.64
C VAL D 27 7.67 21.66 -10.50
N TYR D 28 8.84 21.28 -10.00
CA TYR D 28 10.06 21.54 -10.69
C TYR D 28 11.07 20.50 -10.36
N ARG D 29 12.12 20.44 -11.13
CA ARG D 29 13.16 19.51 -10.89
C ARG D 29 14.39 20.19 -10.39
N SER D 30 15.04 19.56 -9.42
CA SER D 30 16.27 20.07 -8.86
C SER D 30 17.27 20.05 -9.95
N GLY D 31 17.24 19.01 -10.76
CA GLY D 31 18.18 18.88 -11.82
C GLY D 31 18.14 19.85 -12.95
N TRP D 32 17.01 20.47 -13.18
CA TRP D 32 16.89 21.31 -14.32
C TRP D 32 17.95 22.31 -14.53
N ASN D 33 18.31 22.48 -15.79
CA ASN D 33 19.40 23.42 -16.08
C ASN D 33 18.93 24.88 -15.99
N GLY D 34 17.72 25.20 -16.37
CA GLY D 34 17.23 26.55 -16.30
C GLY D 34 16.69 26.83 -14.94
N LYS D 35 16.71 28.10 -14.55
CA LYS D 35 16.30 28.44 -13.22
C LYS D 35 14.97 29.12 -13.20
N ASN D 36 14.26 29.03 -12.08
CA ASN D 36 12.93 29.63 -11.95
C ASN D 36 11.95 29.02 -12.89
N MET D 37 12.07 27.75 -13.16
CA MET D 37 11.19 27.01 -14.06
C MET D 37 10.25 26.12 -13.25
N PHE D 38 9.08 25.83 -13.81
CA PHE D 38 8.23 24.84 -13.17
C PHE D 38 7.11 24.45 -14.10
N LEU D 39 6.47 23.32 -13.78
CA LEU D 39 5.28 22.87 -14.50
C LEU D 39 4.04 23.44 -13.83
N PHE D 40 2.95 23.44 -14.58
CA PHE D 40 1.65 23.67 -13.99
C PHE D 40 0.58 23.24 -14.97
N LEU D 41 -0.51 22.73 -14.42
CA LEU D 41 -1.54 22.13 -15.25
C LEU D 41 -2.72 23.09 -15.40
N LYS D 42 -3.29 23.15 -16.60
CA LYS D 42 -4.60 23.76 -16.77
C LYS D 42 -5.50 22.70 -17.36
N SER D 43 -6.63 22.54 -16.70
CA SER D 43 -7.54 21.47 -17.02
C SER D 43 -8.42 21.88 -18.20
N SER D 44 -9.05 20.86 -18.80
CA SER D 44 -9.90 21.09 -19.97
C SER D 44 -10.89 22.24 -19.75
N ASP D 45 -11.65 22.18 -18.66
CA ASP D 45 -12.67 23.19 -18.41
C ASP D 45 -12.03 24.57 -18.19
N ALA D 46 -10.99 24.63 -17.34
CA ALA D 46 -10.31 25.88 -17.04
C ALA D 46 -9.70 26.56 -18.27
N LEU D 47 -9.60 25.87 -19.41
CA LEU D 47 -9.06 26.50 -20.61
C LEU D 47 -10.14 27.01 -21.55
N ALA D 48 -11.36 26.46 -21.48
CA ALA D 48 -12.44 26.96 -22.33
C ALA D 48 -12.89 28.34 -21.87
N SER D 49 -12.78 28.63 -20.58
CA SER D 49 -13.20 29.88 -19.96
C SER D 49 -12.23 31.03 -20.24
N PRO D 62 -15.09 22.49 -30.90
CA PRO D 62 -13.70 22.04 -30.65
C PRO D 62 -13.17 22.38 -29.24
N VAL D 63 -13.49 21.55 -28.24
CA VAL D 63 -13.06 21.77 -26.87
C VAL D 63 -11.57 21.47 -26.67
N PHE D 64 -10.96 22.22 -25.75
CA PHE D 64 -9.55 22.03 -25.39
C PHE D 64 -9.39 20.84 -24.46
N GLY D 65 -8.26 20.14 -24.60
CA GLY D 65 -7.91 19.12 -23.64
C GLY D 65 -7.28 19.70 -22.39
N ASN D 66 -6.84 18.81 -21.51
CA ASN D 66 -5.95 19.24 -20.46
C ASN D 66 -4.60 19.59 -21.07
N ILE D 67 -3.92 20.57 -20.48
CA ILE D 67 -2.61 20.98 -20.98
C ILE D 67 -1.66 21.17 -19.80
N ILE D 68 -0.51 20.52 -19.88
CA ILE D 68 0.59 20.83 -18.98
C ILE D 68 1.42 21.92 -19.62
N PHE D 69 1.60 23.01 -18.89
CA PHE D 69 2.48 24.09 -19.29
C PHE D 69 3.75 24.03 -18.48
N ILE D 70 4.76 24.68 -19.01
CA ILE D 70 6.01 24.85 -18.31
C ILE D 70 6.33 26.33 -18.39
N LYS D 71 6.79 26.90 -17.30
CA LYS D 71 7.22 28.26 -17.31
C LYS D 71 8.70 28.19 -17.29
N THR D 72 9.31 28.68 -18.33
CA THR D 72 10.74 28.61 -18.50
C THR D 72 11.52 29.70 -17.85
N ALA D 73 12.82 29.65 -17.99
CA ALA D 73 13.70 30.66 -17.40
C ALA D 73 13.51 32.07 -17.89
N ASP D 74 13.08 32.21 -19.11
CA ASP D 74 12.92 33.52 -19.70
C ASP D 74 11.55 34.09 -19.42
N ASN D 75 10.86 33.56 -18.42
CA ASN D 75 9.55 34.07 -18.02
C ASN D 75 8.56 33.87 -19.11
N LYS D 76 8.74 32.79 -19.83
CA LYS D 76 7.83 32.49 -20.89
C LYS D 76 7.06 31.27 -20.52
N ILE D 77 5.87 31.15 -21.07
CA ILE D 77 5.05 30.00 -20.82
C ILE D 77 4.87 29.18 -22.08
N HIS D 78 5.21 27.91 -22.00
CA HIS D 78 5.14 27.07 -23.13
C HIS D 78 4.47 25.81 -22.77
N ALA D 79 4.04 25.06 -23.75
CA ALA D 79 3.48 23.76 -23.52
C ALA D 79 4.62 22.86 -23.23
N TRP D 80 4.39 21.89 -22.40
CA TRP D 80 5.49 21.09 -21.91
C TRP D 80 5.48 19.78 -22.67
N VAL D 81 6.63 19.37 -23.18
CA VAL D 81 6.79 18.05 -23.78
C VAL D 81 7.45 17.18 -22.72
N PRO D 82 6.88 16.13 -22.36
CA PRO D 82 7.51 15.35 -21.31
C PRO D 82 8.77 14.70 -21.83
N SER D 83 9.92 15.14 -21.34
CA SER D 83 11.13 14.45 -21.73
C SER D 83 11.26 13.15 -20.96
N GLN D 84 11.86 12.17 -21.65
CA GLN D 84 12.25 10.93 -21.00
C GLN D 84 13.08 11.22 -19.76
N THR D 85 13.96 12.23 -19.83
CA THR D 85 14.79 12.53 -18.67
C THR D 85 13.94 13.01 -17.50
N ASP D 86 13.03 13.98 -17.74
CA ASP D 86 12.12 14.45 -16.71
C ASP D 86 11.25 13.32 -16.16
N VAL D 87 10.66 12.54 -17.05
CA VAL D 87 9.70 11.53 -16.62
C VAL D 87 10.34 10.50 -15.71
N LEU D 88 11.56 10.12 -15.97
CA LEU D 88 12.20 9.09 -15.21
C LEU D 88 12.92 9.60 -14.01
N ALA D 89 12.98 10.90 -13.87
CA ALA D 89 13.74 11.46 -12.80
C ALA D 89 13.15 11.47 -11.41
N GLU D 90 13.99 11.45 -10.41
CA GLU D 90 13.55 11.45 -9.04
C GLU D 90 13.95 12.68 -8.27
N ASP D 91 14.10 13.81 -8.92
CA ASP D 91 14.54 15.04 -8.29
C ASP D 91 13.52 16.15 -8.21
N TRP D 92 12.27 15.81 -8.26
CA TRP D 92 11.26 16.79 -8.22
C TRP D 92 10.89 17.38 -6.88
N ASP D 93 10.33 18.57 -6.85
CA ASP D 93 9.81 19.16 -5.63
C ASP D 93 8.79 20.24 -5.94
N ILE D 94 7.92 20.55 -4.98
CA ILE D 94 6.90 21.58 -5.19
C ILE D 94 7.54 22.94 -5.15
N VAL D 95 6.94 23.88 -5.88
CA VAL D 95 7.31 25.29 -5.75
C VAL D 95 6.87 25.74 -4.37
N SER D 96 7.82 25.98 -3.48
CA SER D 96 7.54 26.31 -2.09
C SER D 96 7.38 27.81 -1.93
N LEU E 1 4.10 -19.10 -6.81
CA LEU E 1 2.97 -19.08 -7.72
C LEU E 1 2.06 -20.21 -7.35
N VAL E 2 2.31 -20.85 -6.24
CA VAL E 2 1.51 -22.02 -5.91
C VAL E 2 0.04 -21.64 -5.78
N PRO E 3 -0.30 -20.54 -5.07
CA PRO E 3 -1.67 -20.04 -5.20
C PRO E 3 -1.61 -18.91 -6.25
N ARG E 4 -2.70 -18.38 -6.76
CA ARG E 4 -2.65 -17.40 -7.83
C ARG E 4 -3.46 -16.15 -7.69
N GLY E 5 -2.94 -15.04 -8.18
CA GLY E 5 -3.65 -13.79 -8.17
C GLY E 5 -4.72 -13.48 -9.17
N SER E 6 -5.56 -12.53 -8.84
CA SER E 6 -6.65 -12.18 -9.68
C SER E 6 -6.52 -10.76 -10.13
N HIS E 7 -6.99 -10.47 -11.32
CA HIS E 7 -6.83 -9.17 -11.85
C HIS E 7 -7.94 -8.30 -11.49
N MET E 8 -7.67 -7.31 -10.71
CA MET E 8 -8.65 -6.33 -10.41
C MET E 8 -8.71 -5.44 -11.63
N LYS E 9 -9.71 -4.61 -11.71
CA LYS E 9 -9.91 -3.85 -12.92
C LYS E 9 -9.15 -2.59 -13.06
N THR E 10 -8.33 -2.23 -12.09
CA THR E 10 -7.71 -0.94 -12.15
C THR E 10 -6.86 -0.73 -13.35
N LYS E 11 -6.84 0.50 -13.79
CA LYS E 11 -5.95 0.85 -14.86
C LYS E 11 -5.20 1.95 -14.11
N MET E 12 -3.89 1.99 -14.22
CA MET E 12 -3.10 2.93 -13.44
C MET E 12 -2.68 4.26 -13.98
N SER E 13 -2.08 5.04 -13.12
CA SER E 13 -1.52 6.29 -13.53
C SER E 13 -0.19 6.09 -14.21
N PHE E 14 0.27 7.11 -14.87
CA PHE E 14 1.53 7.08 -15.52
C PHE E 14 2.62 6.96 -14.49
N GLY E 15 2.48 7.61 -13.36
CA GLY E 15 3.52 7.56 -12.38
C GLY E 15 3.77 6.15 -11.94
N GLU E 16 2.71 5.38 -11.82
CA GLU E 16 2.84 4.01 -11.44
C GLU E 16 3.26 3.14 -12.56
N ALA E 17 2.85 3.43 -13.77
CA ALA E 17 3.39 2.63 -14.89
C ALA E 17 4.87 2.90 -15.13
N LEU E 18 5.33 4.12 -14.94
CA LEU E 18 6.77 4.41 -14.97
C LEU E 18 7.52 3.53 -13.99
N GLU E 19 6.97 3.37 -12.78
CA GLU E 19 7.54 2.45 -11.80
C GLU E 19 7.59 1.02 -12.32
N VAL E 20 6.52 0.56 -12.96
CA VAL E 20 6.58 -0.77 -13.57
C VAL E 20 7.67 -0.82 -14.64
N LEU E 21 7.80 0.26 -15.42
CA LEU E 21 8.81 0.30 -16.47
C LEU E 21 10.20 0.17 -15.88
N LYS E 22 10.41 0.79 -14.73
CA LYS E 22 11.69 0.68 -14.05
C LYS E 22 11.93 -0.70 -13.46
N GLN E 23 10.92 -1.57 -13.45
CA GLN E 23 11.04 -2.95 -13.04
C GLN E 23 11.17 -3.88 -14.24
N GLY E 24 11.54 -3.33 -15.39
CA GLY E 24 11.74 -4.13 -16.56
C GLY E 24 10.49 -4.70 -17.16
N MET E 25 9.32 -4.33 -16.67
CA MET E 25 8.10 -4.85 -17.25
C MET E 25 7.60 -3.95 -18.35
N GLN E 26 7.09 -4.57 -19.40
CA GLN E 26 6.37 -3.84 -20.43
C GLN E 26 5.12 -3.19 -19.82
N VAL E 27 4.65 -2.12 -20.48
CA VAL E 27 3.49 -1.36 -20.06
C VAL E 27 2.82 -0.92 -21.34
N TYR E 28 1.52 -0.60 -21.30
CA TYR E 28 0.76 -0.06 -22.44
C TYR E 28 -0.44 0.76 -21.98
N ARG E 29 -1.16 1.37 -22.89
CA ARG E 29 -2.34 2.12 -22.55
C ARG E 29 -3.55 1.56 -23.22
N SER E 30 -4.63 1.41 -22.48
CA SER E 30 -5.82 0.81 -23.04
C SER E 30 -6.40 1.62 -24.17
N GLY E 31 -6.38 2.93 -24.03
CA GLY E 31 -6.93 3.81 -25.01
C GLY E 31 -6.08 4.09 -26.20
N TRP E 32 -4.90 3.55 -26.21
CA TRP E 32 -4.09 3.70 -27.37
C TRP E 32 -4.79 3.06 -28.48
N ASN E 33 -4.76 3.74 -29.60
CA ASN E 33 -5.37 3.20 -30.77
C ASN E 33 -4.62 1.99 -31.23
N GLY E 34 -5.36 0.97 -31.57
CA GLY E 34 -4.74 -0.26 -32.00
C GLY E 34 -4.36 -1.15 -30.85
N LYS E 35 -3.52 -2.12 -31.12
CA LYS E 35 -3.13 -3.07 -30.09
C LYS E 35 -1.77 -3.58 -30.46
N ASN E 36 -1.19 -4.39 -29.60
CA ASN E 36 0.14 -4.89 -29.79
C ASN E 36 1.16 -3.78 -29.87
N MET E 37 0.97 -2.76 -29.06
CA MET E 37 1.94 -1.71 -28.97
C MET E 37 2.29 -1.57 -27.52
N PHE E 38 3.57 -1.48 -27.20
CA PHE E 38 3.93 -1.26 -25.83
C PHE E 38 5.19 -0.52 -25.54
N LEU E 39 5.36 -0.15 -24.30
CA LEU E 39 6.57 0.51 -23.87
C LEU E 39 7.48 -0.42 -23.09
N PHE E 40 8.79 -0.21 -23.24
CA PHE E 40 9.76 -0.95 -22.47
C PHE E 40 10.99 -0.08 -22.25
N LEU E 41 11.58 -0.23 -21.07
CA LEU E 41 12.75 0.52 -20.64
C LEU E 41 13.97 -0.34 -20.87
N LYS E 42 15.03 0.21 -21.46
CA LYS E 42 16.32 -0.45 -21.42
C LYS E 42 17.27 0.32 -20.55
N SER E 43 18.08 -0.45 -19.83
CA SER E 43 19.17 0.05 -19.03
C SER E 43 20.27 0.60 -19.92
N SER E 44 21.09 1.48 -19.32
CA SER E 44 22.33 1.93 -19.92
C SER E 44 23.19 0.76 -20.39
N ASP E 45 23.32 -0.29 -19.57
CA ASP E 45 24.16 -1.42 -19.95
C ASP E 45 23.66 -2.05 -21.25
N ALA E 46 22.40 -2.48 -21.26
CA ALA E 46 21.86 -3.11 -22.46
C ALA E 46 22.01 -2.20 -23.67
N LEU E 47 21.78 -0.90 -23.49
CA LEU E 47 21.89 0.03 -24.59
C LEU E 47 23.30 0.07 -25.17
N ALA E 48 24.30 0.24 -24.31
CA ALA E 48 25.67 0.33 -24.79
C ALA E 48 26.09 -0.98 -25.44
N SER E 49 25.55 -2.10 -24.94
CA SER E 49 25.87 -3.38 -25.54
C SER E 49 25.23 -3.54 -26.92
N ASP E 50 24.04 -2.99 -27.14
CA ASP E 50 23.39 -3.20 -28.44
C ASP E 50 23.81 -2.18 -29.49
N PHE E 51 24.21 -0.97 -29.07
CA PHE E 51 24.46 0.12 -30.00
C PHE E 51 25.92 0.45 -30.24
N GLY E 52 26.85 -0.12 -29.47
CA GLY E 52 28.26 0.07 -29.74
C GLY E 52 28.90 1.31 -29.16
N PHE E 53 28.16 2.18 -28.47
CA PHE E 53 28.73 3.35 -27.82
C PHE E 53 27.98 3.64 -26.52
N GLY E 54 28.38 4.72 -25.87
CA GLY E 54 27.76 5.12 -24.61
C GLY E 54 28.05 4.20 -23.46
N PHE E 55 29.20 3.52 -23.49
CA PHE E 55 29.52 2.56 -22.46
C PHE E 55 29.80 3.22 -21.15
N GLY E 56 30.41 4.39 -21.19
CA GLY E 56 30.75 5.09 -19.98
C GLY E 56 32.03 4.62 -19.30
N GLU E 57 32.71 3.66 -19.90
CA GLU E 57 33.94 3.18 -19.36
C GLU E 57 35.10 4.15 -19.38
N TYR E 58 35.31 4.82 -20.50
CA TYR E 58 36.35 5.81 -20.56
C TYR E 58 35.89 7.04 -19.85
N ILE E 59 36.81 7.78 -19.28
CA ILE E 59 36.48 8.94 -18.50
C ILE E 59 35.76 10.00 -19.30
N ASN E 60 36.19 10.21 -20.52
CA ASN E 60 35.55 11.21 -21.32
C ASN E 60 34.35 10.68 -22.12
N GLU E 61 34.06 9.39 -22.02
CA GLU E 61 32.97 8.80 -22.77
C GLU E 61 31.58 9.05 -22.24
N PRO E 62 30.69 9.43 -23.13
CA PRO E 62 29.32 9.60 -22.72
C PRO E 62 28.73 8.26 -22.33
N VAL E 63 27.77 8.26 -21.42
CA VAL E 63 27.17 7.02 -20.97
C VAL E 63 25.74 7.00 -21.34
N PHE E 64 25.23 5.83 -21.69
CA PHE E 64 23.80 5.77 -21.92
C PHE E 64 23.04 5.95 -20.61
N GLY E 65 21.91 6.63 -20.70
CA GLY E 65 20.94 6.64 -19.64
C GLY E 65 19.84 5.72 -20.05
N ASN E 66 18.90 5.49 -19.15
CA ASN E 66 17.81 4.59 -19.49
C ASN E 66 16.99 5.19 -20.61
N ILE E 67 16.48 4.33 -21.48
CA ILE E 67 15.67 4.84 -22.56
C ILE E 67 14.38 4.06 -22.63
N ILE E 68 13.26 4.78 -22.65
CA ILE E 68 11.96 4.18 -22.89
C ILE E 68 11.75 4.10 -24.39
N PHE E 69 11.35 2.94 -24.86
CA PHE E 69 11.15 2.64 -26.26
C PHE E 69 9.73 2.16 -26.45
N ILE E 70 9.21 2.33 -27.66
CA ILE E 70 7.87 1.89 -27.98
C ILE E 70 7.93 0.88 -29.13
N LYS E 71 7.24 -0.25 -28.94
CA LYS E 71 7.12 -1.26 -29.97
C LYS E 71 5.77 -1.00 -30.63
N THR E 72 5.79 -0.60 -31.89
CA THR E 72 4.58 -0.34 -32.63
C THR E 72 4.07 -1.62 -33.29
N ALA E 73 2.91 -1.47 -33.96
CA ALA E 73 2.31 -2.55 -34.78
C ALA E 73 3.09 -2.82 -36.05
N ASP E 74 3.97 -1.91 -36.46
CA ASP E 74 4.80 -2.06 -37.64
C ASP E 74 6.09 -2.82 -37.36
N ASN E 75 6.18 -3.49 -36.21
CA ASN E 75 7.37 -4.26 -35.84
C ASN E 75 8.62 -3.39 -35.70
N LYS E 76 8.43 -2.10 -35.46
CA LYS E 76 9.53 -1.17 -35.28
C LYS E 76 9.61 -0.73 -33.83
N ILE E 77 10.82 -0.33 -33.43
CA ILE E 77 11.10 0.22 -32.12
C ILE E 77 11.51 1.67 -32.31
N HIS E 78 10.75 2.58 -31.73
CA HIS E 78 11.19 3.97 -31.71
C HIS E 78 11.44 4.40 -30.28
N ALA E 79 12.23 5.45 -30.12
CA ALA E 79 12.32 6.08 -28.83
C ALA E 79 10.97 6.72 -28.58
N TRP E 80 10.46 6.55 -27.37
CA TRP E 80 9.08 6.93 -27.11
C TRP E 80 9.03 8.37 -26.66
N VAL E 81 8.14 9.14 -27.26
CA VAL E 81 7.83 10.48 -26.79
C VAL E 81 6.43 10.44 -26.21
N PRO E 82 6.23 10.78 -24.94
CA PRO E 82 4.88 10.72 -24.34
C PRO E 82 4.01 11.91 -24.75
N SER E 83 2.80 11.62 -25.23
CA SER E 83 1.88 12.73 -25.37
C SER E 83 1.49 13.32 -24.02
N GLN E 84 0.97 14.55 -24.04
CA GLN E 84 0.39 15.11 -22.84
C GLN E 84 -0.73 14.21 -22.30
N THR E 85 -1.47 13.57 -23.21
CA THR E 85 -2.58 12.75 -22.78
C THR E 85 -2.07 11.54 -22.00
N ASP E 86 -1.07 10.83 -22.55
CA ASP E 86 -0.50 9.70 -21.85
C ASP E 86 -0.05 10.11 -20.47
N VAL E 87 0.61 11.25 -20.37
CA VAL E 87 1.06 11.69 -19.07
C VAL E 87 -0.12 11.82 -18.12
N LEU E 88 -1.21 12.43 -18.57
CA LEU E 88 -2.28 12.63 -17.59
C LEU E 88 -3.20 11.43 -17.46
N ALA E 89 -3.13 10.47 -18.38
CA ALA E 89 -4.13 9.42 -18.49
C ALA E 89 -4.05 8.45 -17.30
N GLU E 90 -5.14 7.69 -17.11
CA GLU E 90 -5.30 6.72 -16.03
C GLU E 90 -5.59 5.30 -16.54
N ASP E 91 -5.54 5.06 -17.85
CA ASP E 91 -5.82 3.75 -18.44
C ASP E 91 -4.55 2.92 -18.69
N TRP E 92 -3.52 3.09 -17.87
CA TRP E 92 -2.26 2.37 -18.05
C TRP E 92 -2.41 0.95 -17.50
N ASP E 93 -1.92 -0.03 -18.25
CA ASP E 93 -2.02 -1.44 -17.91
C ASP E 93 -0.66 -2.09 -18.14
N ILE E 94 -0.56 -3.39 -17.80
CA ILE E 94 0.63 -4.22 -18.05
C ILE E 94 0.32 -5.25 -19.13
N VAL E 95 1.33 -5.56 -19.96
CA VAL E 95 1.10 -6.44 -21.08
C VAL E 95 1.08 -7.87 -20.59
N SER E 96 0.42 -8.75 -21.35
CA SER E 96 0.31 -10.18 -20.95
C SER E 96 1.30 -11.06 -21.70
N LYS F 9 -19.49 -5.64 32.67
CA LYS F 9 -19.91 -7.00 32.43
C LYS F 9 -21.03 -6.94 31.48
N THR F 10 -21.49 -5.75 31.16
CA THR F 10 -22.51 -5.59 30.14
C THR F 10 -22.01 -5.86 28.72
N LYS F 11 -20.78 -5.47 28.41
CA LYS F 11 -20.20 -5.67 27.10
C LYS F 11 -18.89 -6.34 27.35
N MET F 12 -18.28 -6.87 26.32
CA MET F 12 -17.08 -7.64 26.53
C MET F 12 -15.75 -7.13 26.11
N SER F 13 -14.71 -7.79 26.54
CA SER F 13 -13.41 -7.50 26.06
C SER F 13 -13.16 -8.13 24.73
N PHE F 14 -12.10 -7.73 24.06
CA PHE F 14 -11.73 -8.36 22.80
C PHE F 14 -11.34 -9.77 23.02
N GLY F 15 -10.69 -10.06 24.12
CA GLY F 15 -10.35 -11.42 24.43
C GLY F 15 -11.53 -12.33 24.59
N GLU F 16 -12.58 -11.87 25.20
CA GLU F 16 -13.78 -12.64 25.33
C GLU F 16 -14.47 -12.79 24.01
N ALA F 17 -14.45 -11.73 23.23
CA ALA F 17 -15.02 -11.77 21.92
C ALA F 17 -14.27 -12.76 21.07
N LEU F 18 -12.96 -12.87 21.28
CA LEU F 18 -12.16 -13.84 20.55
C LEU F 18 -12.68 -15.20 20.89
N GLU F 19 -12.93 -15.43 22.17
CA GLU F 19 -13.41 -16.69 22.60
C GLU F 19 -14.73 -17.04 22.00
N VAL F 20 -15.63 -16.10 21.90
CA VAL F 20 -16.90 -16.30 21.25
C VAL F 20 -16.74 -16.59 19.74
N LEU F 21 -15.83 -15.91 19.07
CA LEU F 21 -15.53 -16.17 17.68
C LEU F 21 -14.97 -17.54 17.51
N LYS F 22 -14.11 -17.92 18.41
CA LYS F 22 -13.57 -19.23 18.35
C LYS F 22 -14.62 -20.29 18.63
N GLN F 23 -15.68 -19.93 19.34
CA GLN F 23 -16.74 -20.94 19.48
C GLN F 23 -17.55 -21.04 18.23
N GLY F 24 -17.44 -20.06 17.34
CA GLY F 24 -18.13 -20.02 16.08
C GLY F 24 -19.23 -18.99 16.03
N MET F 25 -19.28 -18.07 16.96
CA MET F 25 -20.35 -17.08 16.94
C MET F 25 -19.85 -15.78 16.31
N GLN F 26 -20.80 -14.92 15.98
CA GLN F 26 -20.47 -13.62 15.42
C GLN F 26 -20.41 -12.58 16.52
N VAL F 27 -19.58 -11.58 16.27
CA VAL F 27 -19.15 -10.61 17.25
C VAL F 27 -19.06 -9.24 16.58
N TYR F 28 -19.41 -8.19 17.31
CA TYR F 28 -19.26 -6.84 16.78
C TYR F 28 -19.05 -5.86 17.93
N ARG F 29 -18.57 -4.67 17.58
CA ARG F 29 -18.36 -3.57 18.51
C ARG F 29 -19.48 -2.56 18.31
N SER F 30 -20.13 -2.16 19.39
CA SER F 30 -21.12 -1.11 19.27
C SER F 30 -20.48 0.18 18.80
N GLY F 31 -19.26 0.43 19.24
CA GLY F 31 -18.50 1.58 18.81
C GLY F 31 -18.34 1.70 17.31
N TRP F 32 -18.67 0.66 16.56
CA TRP F 32 -18.44 0.75 15.12
C TRP F 32 -19.46 1.69 14.49
N ASN F 33 -19.00 2.49 13.54
CA ASN F 33 -19.84 3.51 12.89
C ASN F 33 -20.73 2.80 11.87
N GLY F 34 -21.81 2.21 12.38
CA GLY F 34 -22.78 1.58 11.51
C GLY F 34 -23.49 0.41 12.18
N LYS F 35 -24.28 -0.28 11.37
CA LYS F 35 -25.02 -1.46 11.78
C LYS F 35 -24.77 -2.59 10.77
N ASN F 36 -25.15 -3.80 11.17
CA ASN F 36 -25.07 -5.00 10.34
C ASN F 36 -23.64 -5.36 9.94
N MET F 37 -22.65 -4.79 10.63
CA MET F 37 -21.29 -5.27 10.57
C MET F 37 -21.04 -6.30 11.66
N PHE F 38 -20.27 -7.32 11.32
CA PHE F 38 -19.94 -8.23 12.40
C PHE F 38 -18.79 -9.07 11.90
N LEU F 39 -18.08 -9.70 12.83
CA LEU F 39 -17.00 -10.62 12.54
C LEU F 39 -17.50 -12.04 12.58
N PHE F 40 -16.87 -12.88 11.77
CA PHE F 40 -17.05 -14.32 11.98
C PHE F 40 -15.74 -14.99 11.59
N LEU F 41 -15.55 -16.19 12.08
CA LEU F 41 -14.33 -16.97 11.91
C LEU F 41 -14.62 -18.12 10.97
N LYS F 42 -13.99 -18.14 9.81
CA LYS F 42 -13.99 -19.31 8.95
C LYS F 42 -12.81 -20.18 9.33
N SER F 43 -13.08 -21.39 9.80
CA SER F 43 -11.98 -22.25 10.17
C SER F 43 -11.32 -22.81 8.89
N SER F 44 -10.13 -23.36 9.05
CA SER F 44 -9.35 -23.84 7.91
C SER F 44 -10.14 -24.81 7.04
N ASP F 45 -10.36 -24.48 5.73
CA ASP F 45 -10.83 -25.51 4.76
C ASP F 45 -9.68 -25.85 3.87
N ALA F 46 -9.19 -27.08 4.00
CA ALA F 46 -8.23 -27.63 3.06
C ALA F 46 -8.84 -27.92 1.68
N LEU F 47 -10.17 -27.99 1.55
CA LEU F 47 -10.76 -28.23 0.24
C LEU F 47 -10.77 -26.98 -0.64
N ALA F 48 -10.47 -25.81 -0.11
CA ALA F 48 -10.47 -24.60 -0.92
C ALA F 48 -9.21 -24.54 -1.80
N SER F 49 -9.44 -24.34 -3.09
CA SER F 49 -8.35 -24.34 -4.02
C SER F 49 -8.54 -23.43 -5.16
N ASP F 50 -7.44 -23.08 -5.81
CA ASP F 50 -7.47 -22.24 -6.97
C ASP F 50 -8.19 -22.94 -8.10
N PHE F 51 -8.19 -24.27 -8.11
CA PHE F 51 -8.93 -25.02 -9.09
C PHE F 51 -10.38 -25.27 -8.74
N GLY F 52 -10.95 -24.45 -7.89
CA GLY F 52 -12.32 -24.65 -7.44
C GLY F 52 -12.39 -25.43 -6.16
N PHE F 53 -13.30 -25.03 -5.27
CA PHE F 53 -13.49 -25.72 -3.99
C PHE F 53 -13.76 -27.20 -4.20
N GLY F 54 -13.01 -28.05 -3.47
CA GLY F 54 -13.12 -29.48 -3.54
C GLY F 54 -12.51 -30.14 -4.76
N PHE F 55 -11.87 -29.39 -5.65
CA PHE F 55 -11.30 -29.99 -6.86
C PHE F 55 -9.82 -29.64 -6.97
N GLY F 56 -9.07 -29.86 -5.89
CA GLY F 56 -7.64 -29.56 -5.87
C GLY F 56 -6.85 -30.67 -6.54
N GLU F 57 -5.93 -30.29 -7.42
CA GLU F 57 -5.20 -31.28 -8.21
C GLU F 57 -3.92 -31.77 -7.55
N TYR F 58 -3.31 -30.97 -6.66
CA TYR F 58 -2.01 -31.26 -6.10
C TYR F 58 -2.11 -31.45 -4.59
N ILE F 59 -1.44 -32.48 -4.08
CA ILE F 59 -1.65 -32.90 -2.69
C ILE F 59 -0.97 -31.92 -1.73
N ASN F 60 0.02 -31.17 -2.19
CA ASN F 60 0.72 -30.16 -1.38
C ASN F 60 0.31 -28.73 -1.74
N GLU F 61 -0.89 -28.53 -2.30
CA GLU F 61 -1.39 -27.18 -2.46
C GLU F 61 -1.46 -26.53 -1.08
N PRO F 62 -1.13 -25.24 -0.97
CA PRO F 62 -1.27 -24.54 0.31
C PRO F 62 -2.73 -24.58 0.80
N VAL F 63 -2.86 -24.71 2.11
CA VAL F 63 -4.15 -24.83 2.78
C VAL F 63 -4.54 -23.47 3.35
N PHE F 64 -5.75 -23.01 3.08
CA PHE F 64 -6.30 -21.86 3.79
C PHE F 64 -6.43 -22.17 5.27
N GLY F 65 -5.76 -21.39 6.13
CA GLY F 65 -5.93 -21.50 7.56
C GLY F 65 -7.17 -20.75 7.99
N ASN F 66 -7.30 -20.56 9.30
CA ASN F 66 -8.40 -19.77 9.84
C ASN F 66 -8.41 -18.36 9.30
N ILE F 67 -9.57 -17.84 9.05
CA ILE F 67 -9.63 -16.48 8.60
C ILE F 67 -10.77 -15.79 9.32
N ILE F 68 -10.52 -14.62 9.83
CA ILE F 68 -11.59 -13.82 10.40
C ILE F 68 -12.06 -12.90 9.32
N PHE F 69 -13.36 -12.89 9.10
CA PHE F 69 -14.02 -12.05 8.14
C PHE F 69 -14.83 -11.01 8.86
N ILE F 70 -14.99 -9.89 8.19
CA ILE F 70 -15.92 -8.86 8.59
C ILE F 70 -16.96 -8.78 7.49
N LYS F 71 -18.22 -8.87 7.88
CA LYS F 71 -19.28 -8.72 6.96
C LYS F 71 -19.76 -7.35 7.14
N THR F 72 -19.80 -6.61 6.07
CA THR F 72 -20.17 -5.24 6.14
C THR F 72 -21.61 -5.02 5.77
N ALA F 73 -22.09 -3.82 5.97
CA ALA F 73 -23.46 -3.45 5.60
C ALA F 73 -23.66 -3.50 4.12
N ASP F 74 -22.58 -3.43 3.36
CA ASP F 74 -22.61 -3.53 1.92
C ASP F 74 -22.97 -4.96 1.53
N ASN F 75 -23.05 -5.88 2.48
CA ASN F 75 -23.34 -7.28 2.26
C ASN F 75 -22.14 -7.84 1.61
N LYS F 76 -21.01 -7.29 1.98
CA LYS F 76 -19.77 -7.76 1.49
C LYS F 76 -18.92 -8.38 2.58
N ILE F 77 -18.09 -9.32 2.20
CA ILE F 77 -17.24 -9.99 3.12
C ILE F 77 -15.78 -9.72 2.83
N HIS F 78 -15.07 -9.16 3.82
CA HIS F 78 -13.65 -8.88 3.70
C HIS F 78 -12.88 -9.55 4.83
N ALA F 79 -11.61 -9.82 4.59
CA ALA F 79 -10.73 -10.23 5.66
C ALA F 79 -10.60 -9.10 6.68
N TRP F 80 -10.68 -9.45 7.97
CA TRP F 80 -10.68 -8.43 9.01
C TRP F 80 -9.27 -8.03 9.42
N VAL F 81 -9.03 -6.74 9.49
CA VAL F 81 -7.75 -6.28 10.03
C VAL F 81 -8.06 -5.68 11.40
N PRO F 82 -7.59 -6.29 12.48
CA PRO F 82 -7.99 -5.76 13.81
C PRO F 82 -7.30 -4.41 14.01
N SER F 83 -8.10 -3.37 14.20
CA SER F 83 -7.50 -2.09 14.53
C SER F 83 -7.11 -2.04 16.02
N GLN F 84 -6.19 -1.13 16.36
CA GLN F 84 -5.71 -1.05 17.76
C GLN F 84 -6.86 -0.74 18.71
N THR F 85 -7.72 0.21 18.34
CA THR F 85 -8.86 0.47 19.19
C THR F 85 -9.73 -0.79 19.29
N ASP F 86 -9.90 -1.51 18.18
CA ASP F 86 -10.74 -2.70 18.21
C ASP F 86 -10.20 -3.69 19.21
N VAL F 87 -8.88 -3.87 19.28
CA VAL F 87 -8.38 -4.91 20.16
C VAL F 87 -8.32 -4.38 21.57
N LEU F 88 -8.34 -3.07 21.76
CA LEU F 88 -8.34 -2.58 23.13
C LEU F 88 -9.73 -2.21 23.59
N ALA F 89 -10.71 -2.17 22.69
CA ALA F 89 -12.07 -1.78 23.06
C ALA F 89 -12.72 -2.79 24.01
N GLU F 90 -13.82 -2.35 24.59
CA GLU F 90 -14.54 -3.09 25.62
C GLU F 90 -16.01 -3.07 25.30
N ASP F 91 -16.37 -2.77 24.05
CA ASP F 91 -17.76 -2.64 23.64
C ASP F 91 -18.15 -3.73 22.65
N TRP F 92 -17.58 -4.92 22.83
CA TRP F 92 -17.83 -6.09 22.00
C TRP F 92 -19.07 -6.83 22.49
N ASP F 93 -19.80 -7.41 21.55
CA ASP F 93 -21.06 -8.06 21.85
C ASP F 93 -21.28 -9.15 20.82
N ILE F 94 -22.27 -9.99 21.09
CA ILE F 94 -22.63 -11.03 20.15
C ILE F 94 -23.78 -10.52 19.31
N VAL F 95 -23.77 -10.88 18.05
CA VAL F 95 -24.89 -10.56 17.19
C VAL F 95 -25.97 -11.57 17.49
N SER F 96 -27.21 -11.12 17.62
CA SER F 96 -28.31 -12.10 17.68
C SER F 96 -29.60 -11.45 17.19
#